data_4YNR
#
_entry.id   4YNR
#
_cell.length_a   33.505
_cell.length_b   79.247
_cell.length_c   109.451
_cell.angle_alpha   90.00
_cell.angle_beta   90.00
_cell.angle_gamma   90.00
#
_symmetry.space_group_name_H-M   'P 21 21 21'
#
loop_
_entity.id
_entity.type
_entity.pdbx_description
1 polymer 'Redox sensor histidine kinase response regulator DevS'
2 non-polymer 'PROTOPORPHYRIN IX CONTAINING FE'
3 non-polymer 'CARBON MONOXIDE'
4 water water
#
_entity_poly.entity_id   1
_entity_poly.type   'polypeptide(L)'
_entity_poly.pdbx_seq_one_letter_code
;GAMSDPDLEATLRAIVHSATSLVDARYGAMEVHDRQHRVLHFVYEGIDEETVRRIGHLPKGLGVIGLLIEDPKPLRLDDV
SAHPASIGFPPYHPPMRTFLGVPVRVRDESFGTLYLTDKTNGQPFSDDDEVLVQALAAAAGIAVANARLYQQAK
;
_entity_poly.pdbx_strand_id   A,B
#
# COMPACT_ATOMS: atom_id res chain seq x y z
N ASP A 5 -15.13 -4.01 11.05
CA ASP A 5 -15.41 -3.28 9.81
C ASP A 5 -14.72 -4.08 8.71
N PRO A 6 -15.51 -4.74 7.84
CA PRO A 6 -14.98 -5.58 6.76
C PRO A 6 -14.10 -4.83 5.75
N ASP A 7 -14.37 -3.53 5.62
CA ASP A 7 -13.61 -2.60 4.81
C ASP A 7 -12.15 -2.68 5.10
N LEU A 8 -11.86 -2.13 6.27
CA LEU A 8 -10.53 -1.83 6.72
C LEU A 8 -9.73 -3.12 6.88
N GLU A 9 -10.38 -4.17 7.39
CA GLU A 9 -9.63 -5.39 7.70
C GLU A 9 -9.27 -6.18 6.46
N ALA A 10 -10.06 -6.08 5.41
CA ALA A 10 -9.67 -6.72 4.15
C ALA A 10 -8.43 -5.99 3.64
N THR A 11 -8.46 -4.66 3.74
CA THR A 11 -7.36 -3.82 3.31
C THR A 11 -6.13 -4.07 4.19
N LEU A 12 -6.31 -4.11 5.51
CA LEU A 12 -5.15 -4.32 6.40
C LEU A 12 -4.52 -5.71 6.16
N ARG A 13 -5.34 -6.73 5.91
CA ARG A 13 -4.82 -8.06 5.59
C ARG A 13 -4.03 -8.04 4.30
N ALA A 14 -4.59 -7.38 3.27
CA ALA A 14 -3.93 -7.26 1.98
C ALA A 14 -2.57 -6.57 2.14
N ILE A 15 -2.54 -5.51 2.95
CA ILE A 15 -1.29 -4.78 3.19
C ILE A 15 -0.28 -5.64 3.94
N VAL A 16 -0.74 -6.38 4.97
CA VAL A 16 0.17 -7.30 5.67
C VAL A 16 0.71 -8.35 4.71
N HIS A 17 -0.18 -8.94 3.91
CA HIS A 17 0.27 -9.96 2.97
C HIS A 17 1.33 -9.49 1.97
N SER A 18 1.13 -8.28 1.48
CA SER A 18 2.05 -7.67 0.53
C SER A 18 3.39 -7.40 1.18
N ALA A 19 3.37 -6.83 2.38
CA ALA A 19 4.62 -6.58 3.09
C ALA A 19 5.38 -7.87 3.31
N THR A 20 4.69 -8.88 3.78
CA THR A 20 5.33 -10.16 4.10
C THR A 20 5.94 -10.82 2.88
N SER A 21 5.19 -10.81 1.77
CA SER A 21 5.66 -11.41 0.55
C SER A 21 6.78 -10.58 -0.08
N LEU A 22 6.69 -9.25 0.01
CA LEU A 22 7.66 -8.42 -0.67
C LEU A 22 9.04 -8.45 0.01
N VAL A 23 9.10 -8.62 1.33
CA VAL A 23 10.41 -8.65 2.00
C VAL A 23 10.80 -10.07 2.42
N ASP A 24 10.04 -11.05 1.96
CA ASP A 24 10.32 -12.46 2.23
C ASP A 24 10.38 -12.79 3.71
N ALA A 25 9.44 -12.23 4.47
CA ALA A 25 9.32 -12.54 5.90
C ALA A 25 8.52 -13.83 6.05
N ARG A 26 8.87 -14.68 7.01
CA ARG A 26 8.05 -15.86 7.24
C ARG A 26 6.74 -15.45 7.94
N TYR A 27 6.81 -14.43 8.79
CA TYR A 27 5.66 -13.99 9.55
C TYR A 27 5.41 -12.50 9.41
N GLY A 28 4.14 -12.10 9.39
CA GLY A 28 3.80 -10.70 9.39
C GLY A 28 2.56 -10.40 10.20
N ALA A 29 2.52 -9.21 10.79
CA ALA A 29 1.33 -8.84 11.58
C ALA A 29 1.14 -7.34 11.63
N MET A 30 -0.07 -6.94 12.00
CA MET A 30 -0.36 -5.54 12.23
C MET A 30 -1.32 -5.41 13.39
N GLU A 31 -0.99 -4.50 14.30
CA GLU A 31 -1.93 -4.13 15.35
C GLU A 31 -2.38 -2.70 15.12
N VAL A 32 -3.64 -2.45 15.40
CA VAL A 32 -4.14 -1.10 15.45
C VAL A 32 -4.74 -0.89 16.83
N HIS A 33 -4.44 0.26 17.44
CA HIS A 33 -4.88 0.56 18.80
C HIS A 33 -5.55 1.94 18.89
N ASP A 34 -6.30 2.17 19.97
CA ASP A 34 -6.87 3.49 20.18
C ASP A 34 -5.87 4.38 20.91
N ARG A 35 -6.25 5.59 21.25
CA ARG A 35 -5.30 6.50 21.89
C ARG A 35 -5.09 6.08 23.35
N GLN A 36 -5.90 5.13 23.81
CA GLN A 36 -5.73 4.52 25.12
C GLN A 36 -4.76 3.32 25.02
N HIS A 37 -4.24 3.10 23.81
CA HIS A 37 -3.31 2.00 23.46
C HIS A 37 -3.89 0.61 23.67
N ARG A 38 -5.22 0.51 23.62
CA ARG A 38 -5.88 -0.78 23.63
C ARG A 38 -5.99 -1.27 22.19
N VAL A 39 -5.57 -2.50 21.96
CA VAL A 39 -5.55 -3.09 20.63
C VAL A 39 -6.97 -3.25 20.13
N LEU A 40 -7.25 -2.66 18.96
CA LEU A 40 -8.58 -2.73 18.35
C LEU A 40 -8.64 -3.78 17.25
N HIS A 41 -7.53 -3.92 16.51
CA HIS A 41 -7.46 -4.85 15.40
C HIS A 41 -6.09 -5.52 15.44
N PHE A 42 -6.05 -6.83 15.18
CA PHE A 42 -4.81 -7.54 15.06
C PHE A 42 -4.95 -8.49 13.87
N VAL A 43 -4.10 -8.29 12.87
CA VAL A 43 -4.13 -9.10 11.66
C VAL A 43 -2.77 -9.78 11.50
N TYR A 44 -2.73 -11.00 10.98
CA TYR A 44 -1.49 -11.75 10.97
C TYR A 44 -1.46 -12.74 9.81
N GLU A 45 -0.25 -13.12 9.44
CA GLU A 45 -0.01 -14.01 8.32
C GLU A 45 1.18 -14.91 8.60
N GLY A 46 1.05 -16.19 8.23
CA GLY A 46 2.18 -17.10 8.32
C GLY A 46 2.05 -18.07 9.47
N ILE A 47 0.98 -17.93 10.25
CA ILE A 47 0.73 -18.90 11.31
C ILE A 47 -0.61 -19.58 11.10
N ASP A 48 -0.64 -20.91 11.15
CA ASP A 48 -1.86 -21.65 10.87
C ASP A 48 -2.84 -21.61 12.06
N GLU A 49 -4.08 -22.02 11.78
CA GLU A 49 -5.13 -21.89 12.77
C GLU A 49 -4.84 -22.74 14.00
N GLU A 50 -4.32 -23.93 13.78
CA GLU A 50 -4.05 -24.84 14.89
C GLU A 50 -3.08 -24.22 15.91
N THR A 51 -2.06 -23.54 15.42
CA THR A 51 -1.11 -22.85 16.28
C THR A 51 -1.72 -21.63 16.99
N VAL A 52 -2.51 -20.86 16.25
CA VAL A 52 -3.24 -19.73 16.82
C VAL A 52 -4.10 -20.18 17.99
N ARG A 53 -4.83 -21.28 17.79
CA ARG A 53 -5.63 -21.87 18.84
C ARG A 53 -4.76 -22.24 20.05
N ARG A 54 -3.60 -22.88 19.85
CA ARG A 54 -2.70 -23.17 20.98
C ARG A 54 -2.20 -21.94 21.73
N ILE A 55 -1.82 -20.87 21.03
CA ILE A 55 -1.41 -19.62 21.68
C ILE A 55 -2.53 -19.10 22.57
N GLY A 56 -3.73 -19.05 22.00
CA GLY A 56 -4.94 -18.92 22.77
C GLY A 56 -5.46 -17.54 23.06
N HIS A 57 -4.62 -16.51 22.92
CA HIS A 57 -5.10 -15.16 23.24
C HIS A 57 -4.29 -14.14 22.47
N LEU A 58 -4.95 -13.03 22.12
CA LEU A 58 -4.35 -12.02 21.27
C LEU A 58 -3.33 -11.23 22.05
N PRO A 59 -2.34 -10.68 21.34
CA PRO A 59 -1.37 -9.82 22.03
C PRO A 59 -2.04 -8.62 22.69
N LYS A 60 -1.57 -8.31 23.90
CA LYS A 60 -2.06 -7.17 24.67
C LYS A 60 -1.21 -5.93 24.41
N GLY A 61 -0.11 -6.10 23.70
CA GLY A 61 0.79 -4.99 23.39
C GLY A 61 1.83 -4.83 24.48
N LEU A 62 2.65 -5.86 24.66
CA LEU A 62 3.66 -5.82 25.71
C LEU A 62 4.99 -6.09 25.05
N GLY A 63 6.04 -6.04 25.85
CA GLY A 63 7.38 -6.32 25.34
C GLY A 63 7.72 -5.40 24.19
N VAL A 64 8.33 -5.97 23.15
CA VAL A 64 8.75 -5.16 22.01
C VAL A 64 7.53 -4.61 21.24
N ILE A 65 6.40 -5.32 21.30
CA ILE A 65 5.15 -4.84 20.73
CA ILE A 65 5.17 -4.81 20.71
C ILE A 65 4.73 -3.53 21.41
N GLY A 66 4.67 -3.57 22.74
CA GLY A 66 4.32 -2.39 23.52
C GLY A 66 5.32 -1.28 23.34
N LEU A 67 6.59 -1.62 23.17
CA LEU A 67 7.61 -0.61 22.94
C LEU A 67 7.28 0.23 21.70
N LEU A 68 6.90 -0.42 20.60
CA LEU A 68 6.59 0.30 19.37
C LEU A 68 5.32 1.13 19.53
N ILE A 69 4.39 0.65 20.34
CA ILE A 69 3.15 1.37 20.63
C ILE A 69 3.39 2.66 21.41
N GLU A 70 4.21 2.58 22.46
CA GLU A 70 4.49 3.75 23.27
C GLU A 70 5.50 4.68 22.62
N ASP A 71 6.48 4.15 21.92
CA ASP A 71 7.39 5.02 21.19
C ASP A 71 7.43 4.60 19.74
N PRO A 72 6.47 5.13 18.94
CA PRO A 72 6.23 4.70 17.56
C PRO A 72 7.28 5.19 16.57
N LYS A 73 8.41 4.48 16.52
CA LYS A 73 9.54 4.77 15.62
C LYS A 73 9.95 3.42 15.01
N PRO A 74 10.42 3.42 13.76
CA PRO A 74 10.82 2.17 13.10
C PRO A 74 11.92 1.44 13.87
N LEU A 75 11.87 0.12 13.87
CA LEU A 75 12.86 -0.67 14.59
C LEU A 75 13.20 -1.95 13.82
N ARG A 76 14.49 -2.16 13.56
CA ARG A 76 14.97 -3.39 12.95
C ARG A 76 15.91 -4.05 13.94
N LEU A 77 15.73 -5.34 14.14
CA LEU A 77 16.54 -6.11 15.09
C LEU A 77 17.03 -7.41 14.47
N ASP A 78 18.29 -7.75 14.77
CA ASP A 78 18.81 -9.06 14.45
C ASP A 78 18.11 -10.14 15.27
N ASP A 79 17.82 -9.80 16.52
CA ASP A 79 17.21 -10.77 17.44
C ASP A 79 16.24 -10.09 18.43
N VAL A 80 14.94 -10.21 18.18
CA VAL A 80 13.97 -9.43 18.97
C VAL A 80 14.02 -9.87 20.44
N SER A 81 14.37 -11.13 20.67
CA SER A 81 14.36 -11.64 22.03
C SER A 81 15.55 -11.11 22.83
N ALA A 82 16.54 -10.52 22.15
CA ALA A 82 17.67 -9.94 22.86
C ALA A 82 17.43 -8.46 23.20
N HIS A 83 16.36 -7.88 22.70
CA HIS A 83 16.06 -6.48 23.06
C HIS A 83 15.73 -6.41 24.57
N PRO A 84 16.29 -5.43 25.29
CA PRO A 84 16.04 -5.38 26.73
C PRO A 84 14.57 -5.20 27.13
N ALA A 85 13.72 -4.75 26.19
CA ALA A 85 12.29 -4.57 26.51
C ALA A 85 11.51 -5.85 26.24
N SER A 86 12.18 -6.84 25.65
CA SER A 86 11.52 -8.10 25.31
C SER A 86 10.88 -8.78 26.52
N ILE A 87 9.68 -9.33 26.34
CA ILE A 87 8.97 -9.98 27.44
C ILE A 87 9.01 -11.50 27.25
N GLY A 88 9.31 -11.92 26.03
CA GLY A 88 9.35 -13.32 25.69
C GLY A 88 8.08 -13.72 24.94
N PHE A 89 8.16 -14.82 24.20
CA PHE A 89 6.99 -15.34 23.49
C PHE A 89 6.13 -16.19 24.44
N PRO A 90 4.78 -16.08 24.31
CA PRO A 90 3.97 -16.95 25.16
C PRO A 90 4.10 -18.41 24.72
N PRO A 91 3.69 -19.36 25.56
CA PRO A 91 3.67 -20.77 25.15
C PRO A 91 3.00 -20.99 23.77
N TYR A 92 3.63 -21.81 22.92
CA TYR A 92 3.15 -22.24 21.59
C TYR A 92 3.30 -21.15 20.50
N HIS A 93 3.66 -19.94 20.90
CA HIS A 93 4.01 -18.88 19.95
C HIS A 93 5.31 -19.26 19.26
N PRO A 94 5.31 -19.28 17.92
CA PRO A 94 6.56 -19.60 17.23
C PRO A 94 7.69 -18.68 17.67
N PRO A 95 8.88 -19.25 17.90
CA PRO A 95 10.02 -18.37 18.17
C PRO A 95 10.37 -17.60 16.90
N MET A 96 10.75 -16.34 17.09
CA MET A 96 11.09 -15.45 15.99
C MET A 96 12.36 -14.70 16.34
N ARG A 97 13.21 -14.49 15.34
CA ARG A 97 14.51 -13.85 15.58
C ARG A 97 14.59 -12.48 14.93
N THR A 98 14.76 -12.44 13.60
CA THR A 98 14.93 -11.14 12.94
C THR A 98 13.60 -10.40 12.96
N PHE A 99 13.65 -9.07 13.00
CA PHE A 99 12.45 -8.29 13.31
C PHE A 99 12.49 -6.96 12.59
N LEU A 100 11.36 -6.58 12.01
CA LEU A 100 11.22 -5.25 11.43
C LEU A 100 9.86 -4.71 11.83
N GLY A 101 9.83 -3.62 12.55
CA GLY A 101 8.58 -3.01 12.98
C GLY A 101 8.52 -1.54 12.63
N VAL A 102 7.42 -1.12 12.03
CA VAL A 102 7.26 0.28 11.66
C VAL A 102 5.87 0.79 12.07
N PRO A 103 5.80 2.05 12.52
CA PRO A 103 4.52 2.63 12.93
C PRO A 103 3.55 2.84 11.77
N VAL A 104 2.28 2.63 12.07
CA VAL A 104 1.17 2.92 11.17
C VAL A 104 0.67 4.33 11.50
N ARG A 105 0.96 5.28 10.62
CA ARG A 105 1.05 6.71 10.92
C ARG A 105 0.35 7.60 9.89
N VAL A 106 0.06 8.85 10.26
CA VAL A 106 -0.38 9.87 9.29
C VAL A 106 0.37 11.20 9.45
N SER A 110 -0.03 8.32 15.05
CA SER A 110 0.35 6.90 15.06
C SER A 110 -0.73 6.03 15.70
N PHE A 111 -1.27 5.12 14.90
CA PHE A 111 -2.44 4.31 15.28
C PHE A 111 -2.13 2.83 15.45
N GLY A 112 -0.92 2.42 15.09
CA GLY A 112 -0.64 0.99 15.05
C GLY A 112 0.77 0.66 14.63
N THR A 113 1.01 -0.63 14.44
CA THR A 113 2.32 -1.09 14.08
C THR A 113 2.25 -2.24 13.08
N LEU A 114 3.10 -2.19 12.06
CA LEU A 114 3.25 -3.26 11.09
C LEU A 114 4.55 -3.99 11.39
N TYR A 115 4.50 -5.28 11.67
CA TYR A 115 5.78 -5.92 11.92
C TYR A 115 5.94 -7.24 11.22
N LEU A 116 7.20 -7.52 10.87
CA LEU A 116 7.59 -8.67 10.07
C LEU A 116 8.70 -9.39 10.79
N THR A 117 8.71 -10.72 10.73
CA THR A 117 9.81 -11.47 11.35
C THR A 117 10.34 -12.60 10.49
N ASP A 118 11.57 -12.99 10.80
CA ASP A 118 12.23 -14.16 10.21
C ASP A 118 12.25 -14.14 8.70
N LYS A 119 12.96 -13.16 8.16
CA LYS A 119 13.25 -13.13 6.75
C LYS A 119 13.77 -14.51 6.39
N THR A 120 13.25 -15.09 5.32
CA THR A 120 13.47 -16.53 5.07
C THR A 120 14.88 -16.88 4.61
N ASN A 121 15.69 -15.88 4.31
CA ASN A 121 17.10 -16.17 3.99
C ASN A 121 17.94 -16.17 5.25
N GLY A 122 17.30 -15.94 6.40
CA GLY A 122 18.00 -15.96 7.67
C GLY A 122 18.78 -14.69 7.96
N GLN A 123 18.68 -13.72 7.06
CA GLN A 123 19.46 -12.50 7.17
C GLN A 123 18.62 -11.45 7.87
N PRO A 124 19.26 -10.39 8.39
CA PRO A 124 18.49 -9.26 8.91
C PRO A 124 17.71 -8.59 7.79
N PHE A 125 16.64 -7.90 8.15
CA PHE A 125 15.90 -7.08 7.19
C PHE A 125 16.78 -5.92 6.75
N SER A 126 16.66 -5.51 5.48
CA SER A 126 17.56 -4.51 4.94
C SER A 126 16.99 -3.10 5.08
N ASP A 127 17.82 -2.13 4.72
CA ASP A 127 17.37 -0.74 4.63
C ASP A 127 16.22 -0.63 3.65
N ASP A 128 16.40 -1.25 2.48
CA ASP A 128 15.35 -1.26 1.45
C ASP A 128 14.06 -1.88 2.00
N ASP A 129 14.19 -2.98 2.72
CA ASP A 129 13.02 -3.61 3.35
C ASP A 129 12.27 -2.62 4.23
N GLU A 130 13.01 -1.89 5.04
CA GLU A 130 12.38 -0.95 5.97
C GLU A 130 11.67 0.20 5.22
N VAL A 131 12.32 0.74 4.20
CA VAL A 131 11.68 1.81 3.41
C VAL A 131 10.35 1.34 2.81
N LEU A 132 10.37 0.14 2.22
CA LEU A 132 9.18 -0.43 1.58
C LEU A 132 8.03 -0.68 2.56
N VAL A 133 8.35 -1.31 3.68
CA VAL A 133 7.37 -1.65 4.69
C VAL A 133 6.82 -0.38 5.37
N GLN A 134 7.68 0.63 5.49
CA GLN A 134 7.23 1.90 6.07
C GLN A 134 6.19 2.56 5.15
N ALA A 135 6.38 2.43 3.84
CA ALA A 135 5.42 3.02 2.91
C ALA A 135 4.09 2.29 3.00
N LEU A 136 4.16 0.98 3.16
CA LEU A 136 2.98 0.15 3.33
C LEU A 136 2.27 0.48 4.63
N ALA A 137 3.02 0.73 5.70
CA ALA A 137 2.41 1.13 6.94
C ALA A 137 1.75 2.51 6.80
N ALA A 138 2.37 3.38 6.01
CA ALA A 138 1.80 4.70 5.77
C ALA A 138 0.48 4.58 5.00
N ALA A 139 0.46 3.67 4.04
CA ALA A 139 -0.78 3.38 3.31
C ALA A 139 -1.86 2.89 4.29
N ALA A 140 -1.47 2.02 5.21
CA ALA A 140 -2.37 1.50 6.22
C ALA A 140 -2.87 2.62 7.14
N GLY A 141 -2.01 3.59 7.41
CA GLY A 141 -2.38 4.74 8.22
C GLY A 141 -3.50 5.53 7.58
N ILE A 142 -3.43 5.65 6.26
CA ILE A 142 -4.45 6.38 5.51
C ILE A 142 -5.77 5.64 5.57
N ALA A 143 -5.71 4.32 5.41
CA ALA A 143 -6.89 3.47 5.41
C ALA A 143 -7.61 3.55 6.75
N VAL A 144 -6.85 3.40 7.84
CA VAL A 144 -7.43 3.51 9.17
C VAL A 144 -7.99 4.91 9.45
N ALA A 145 -7.17 5.93 9.18
CA ALA A 145 -7.54 7.32 9.44
C ALA A 145 -8.83 7.68 8.73
N ASN A 146 -9.06 7.06 7.58
CA ASN A 146 -10.23 7.40 6.78
C ASN A 146 -11.41 6.47 7.01
N ALA A 147 -11.20 5.42 7.81
CA ALA A 147 -12.25 4.44 8.08
C ALA A 147 -13.31 4.98 9.05
N ASP B 5 -13.50 17.93 -3.69
CA ASP B 5 -13.23 17.75 -2.27
C ASP B 5 -11.70 17.73 -2.09
N PRO B 6 -11.15 18.84 -1.57
CA PRO B 6 -9.70 19.03 -1.36
C PRO B 6 -9.10 18.09 -0.32
N ASP B 7 -9.89 17.74 0.70
CA ASP B 7 -9.47 16.76 1.70
C ASP B 7 -9.12 15.44 1.00
N LEU B 8 -10.11 14.88 0.31
CA LEU B 8 -9.98 13.59 -0.31
C LEU B 8 -8.86 13.62 -1.36
N GLU B 9 -8.72 14.74 -2.05
CA GLU B 9 -7.74 14.81 -3.12
C GLU B 9 -6.33 14.93 -2.55
N ALA B 10 -6.20 15.50 -1.36
CA ALA B 10 -4.89 15.57 -0.70
C ALA B 10 -4.40 14.17 -0.37
N THR B 11 -5.34 13.35 0.09
CA THR B 11 -5.05 11.97 0.46
C THR B 11 -4.63 11.18 -0.76
N LEU B 12 -5.42 11.30 -1.83
CA LEU B 12 -5.16 10.57 -3.07
C LEU B 12 -3.83 10.98 -3.69
N ARG B 13 -3.50 12.27 -3.57
CA ARG B 13 -2.22 12.75 -4.05
C ARG B 13 -1.06 12.11 -3.28
N ALA B 14 -1.20 12.00 -1.96
CA ALA B 14 -0.17 11.34 -1.14
C ALA B 14 0.01 9.89 -1.56
N ILE B 15 -1.09 9.19 -1.81
CA ILE B 15 -0.98 7.80 -2.25
C ILE B 15 -0.30 7.72 -3.61
N VAL B 16 -0.66 8.60 -4.53
CA VAL B 16 0.00 8.63 -5.82
C VAL B 16 1.49 8.92 -5.65
N HIS B 17 1.81 9.89 -4.82
CA HIS B 17 3.21 10.23 -4.61
C HIS B 17 4.01 9.06 -4.06
N SER B 18 3.39 8.28 -3.18
CA SER B 18 4.04 7.12 -2.60
CA SER B 18 4.06 7.13 -2.60
C SER B 18 4.30 6.07 -3.67
N ALA B 19 3.26 5.77 -4.45
CA ALA B 19 3.34 4.77 -5.50
C ALA B 19 4.44 5.14 -6.47
N THR B 20 4.47 6.41 -6.87
CA THR B 20 5.43 6.88 -7.86
C THR B 20 6.86 6.72 -7.32
N SER B 21 7.07 7.05 -6.05
CA SER B 21 8.39 6.92 -5.45
C SER B 21 8.79 5.46 -5.33
N LEU B 22 7.85 4.62 -4.91
CA LEU B 22 8.16 3.22 -4.59
C LEU B 22 8.42 2.36 -5.82
N VAL B 23 7.79 2.67 -6.94
CA VAL B 23 8.01 1.85 -8.14
C VAL B 23 8.88 2.58 -9.17
N ASP B 24 9.48 3.70 -8.75
CA ASP B 24 10.40 4.46 -9.60
C ASP B 24 9.78 4.90 -10.94
N ALA B 25 8.52 5.29 -10.91
CA ALA B 25 7.84 5.77 -12.11
C ALA B 25 8.15 7.24 -12.36
N ARG B 26 8.25 7.63 -13.63
CA ARG B 26 8.40 9.04 -13.98
C ARG B 26 7.09 9.82 -13.75
N TYR B 27 5.97 9.17 -14.01
CA TYR B 27 4.63 9.76 -13.88
C TYR B 27 3.70 8.86 -13.09
N GLY B 28 2.79 9.45 -12.31
CA GLY B 28 1.78 8.66 -11.60
C GLY B 28 0.50 9.45 -11.53
N ALA B 29 -0.63 8.76 -11.54
CA ALA B 29 -1.89 9.46 -11.47
C ALA B 29 -2.97 8.55 -10.90
N MET B 30 -4.07 9.17 -10.49
CA MET B 30 -5.24 8.43 -10.06
C MET B 30 -6.50 9.17 -10.50
N GLU B 31 -7.44 8.44 -11.07
CA GLU B 31 -8.76 8.96 -11.36
C GLU B 31 -9.76 8.28 -10.42
N VAL B 32 -10.77 9.03 -10.01
CA VAL B 32 -11.94 8.48 -9.31
C VAL B 32 -13.15 8.87 -10.13
N HIS B 33 -14.09 7.93 -10.34
CA HIS B 33 -15.28 8.17 -11.15
C HIS B 33 -16.54 7.75 -10.40
N ASP B 34 -17.70 8.23 -10.87
CA ASP B 34 -18.99 7.80 -10.34
C ASP B 34 -19.47 6.55 -11.09
N ARG B 35 -20.68 6.07 -10.80
CA ARG B 35 -21.16 4.85 -11.45
C ARG B 35 -21.55 5.05 -12.91
N GLN B 36 -21.60 6.30 -13.37
CA GLN B 36 -21.76 6.62 -14.79
C GLN B 36 -20.41 6.68 -15.48
N HIS B 37 -19.38 6.38 -14.70
CA HIS B 37 -18.00 6.42 -15.15
C HIS B 37 -17.56 7.82 -15.56
N ARG B 38 -18.19 8.84 -14.95
CA ARG B 38 -17.72 10.20 -15.12
C ARG B 38 -16.59 10.51 -14.13
N VAL B 39 -15.47 11.03 -14.61
CA VAL B 39 -14.34 11.32 -13.74
C VAL B 39 -14.67 12.45 -12.78
N LEU B 40 -14.56 12.16 -11.49
CA LEU B 40 -14.89 13.12 -10.44
C LEU B 40 -13.63 13.77 -9.89
N HIS B 41 -12.55 12.99 -9.82
CA HIS B 41 -11.29 13.48 -9.28
C HIS B 41 -10.15 12.96 -10.12
N PHE B 42 -9.17 13.81 -10.37
CA PHE B 42 -7.98 13.38 -11.09
C PHE B 42 -6.79 14.03 -10.43
N VAL B 43 -5.87 13.20 -9.92
CA VAL B 43 -4.67 13.74 -9.27
C VAL B 43 -3.48 13.08 -9.95
N TYR B 44 -2.35 13.80 -10.00
CA TYR B 44 -1.23 13.37 -10.82
C TYR B 44 0.10 13.93 -10.29
N GLU B 45 1.18 13.31 -10.72
CA GLU B 45 2.51 13.70 -10.29
C GLU B 45 3.53 13.53 -11.41
N GLY B 46 4.46 14.49 -11.57
CA GLY B 46 5.51 14.35 -12.58
C GLY B 46 5.29 15.21 -13.81
N ILE B 47 4.19 15.95 -13.86
CA ILE B 47 3.95 16.90 -14.94
C ILE B 47 3.77 18.28 -14.31
N ASP B 48 4.49 19.28 -14.82
CA ASP B 48 4.44 20.62 -14.28
C ASP B 48 3.20 21.39 -14.73
N GLU B 49 2.92 22.50 -14.05
CA GLU B 49 1.68 23.22 -14.29
C GLU B 49 1.59 23.82 -15.69
N GLU B 50 2.71 24.33 -16.23
CA GLU B 50 2.68 24.89 -17.57
C GLU B 50 2.25 23.85 -18.62
N THR B 51 2.77 22.63 -18.48
CA THR B 51 2.42 21.54 -19.38
C THR B 51 0.95 21.12 -19.22
N VAL B 52 0.49 21.07 -17.97
CA VAL B 52 -0.92 20.75 -17.72
C VAL B 52 -1.83 21.79 -18.39
N ARG B 53 -1.51 23.07 -18.23
CA ARG B 53 -2.25 24.12 -18.92
C ARG B 53 -2.30 23.90 -20.42
N ARG B 54 -1.14 23.61 -21.00
CA ARG B 54 -1.04 23.29 -22.43
C ARG B 54 -1.91 22.09 -22.84
N ILE B 55 -1.90 21.01 -22.05
CA ILE B 55 -2.80 19.89 -22.36
C ILE B 55 -4.22 20.44 -22.42
N GLY B 56 -4.60 21.20 -21.41
CA GLY B 56 -5.78 22.04 -21.48
C GLY B 56 -7.09 21.46 -21.01
N HIS B 57 -7.15 20.15 -20.87
CA HIS B 57 -8.38 19.53 -20.40
C HIS B 57 -8.09 18.22 -19.68
N LEU B 58 -8.92 17.93 -18.69
CA LEU B 58 -8.75 16.76 -17.85
C LEU B 58 -9.17 15.52 -18.61
N PRO B 59 -8.58 14.36 -18.27
CA PRO B 59 -8.97 13.10 -18.90
C PRO B 59 -10.44 12.83 -18.67
N LYS B 60 -11.11 12.34 -19.71
CA LYS B 60 -12.51 11.99 -19.62
C LYS B 60 -12.69 10.50 -19.30
N GLY B 61 -11.60 9.75 -19.38
CA GLY B 61 -11.64 8.31 -19.17
C GLY B 61 -11.87 7.58 -20.48
N LEU B 62 -10.94 7.76 -21.41
CA LEU B 62 -10.99 7.13 -22.74
C LEU B 62 -9.70 6.35 -22.98
N GLY B 63 -9.61 5.64 -24.10
CA GLY B 63 -8.41 4.87 -24.39
C GLY B 63 -8.07 3.88 -23.29
N VAL B 64 -6.78 3.78 -22.94
CA VAL B 64 -6.35 2.82 -21.93
C VAL B 64 -6.83 3.22 -20.53
N ILE B 65 -7.04 4.51 -20.28
CA ILE B 65 -7.64 4.97 -19.03
CA ILE B 65 -7.63 4.95 -19.02
C ILE B 65 -9.03 4.36 -18.88
N GLY B 66 -9.83 4.54 -19.94
CA GLY B 66 -11.19 4.05 -19.99
C GLY B 66 -11.25 2.54 -19.93
N LEU B 67 -10.23 1.88 -20.50
CA LEU B 67 -10.14 0.42 -20.43
C LEU B 67 -10.13 -0.08 -18.97
N LEU B 68 -9.33 0.56 -18.14
CA LEU B 68 -9.22 0.19 -16.73
C LEU B 68 -10.51 0.50 -15.95
N ILE B 69 -11.18 1.58 -16.33
CA ILE B 69 -12.46 1.90 -15.69
C ILE B 69 -13.52 0.88 -16.09
N GLU B 70 -13.51 0.54 -17.37
CA GLU B 70 -14.55 -0.35 -17.88
C GLU B 70 -14.26 -1.81 -17.48
N ASP B 71 -12.99 -2.19 -17.45
CA ASP B 71 -12.62 -3.52 -16.99
C ASP B 71 -11.59 -3.42 -15.87
N PRO B 72 -12.05 -3.23 -14.63
CA PRO B 72 -11.11 -2.96 -13.53
C PRO B 72 -10.28 -4.20 -13.11
N LYS B 73 -9.20 -4.45 -13.84
CA LYS B 73 -8.25 -5.51 -13.55
C LYS B 73 -6.85 -4.93 -13.65
N PRO B 74 -5.90 -5.45 -12.86
CA PRO B 74 -4.52 -4.92 -12.97
C PRO B 74 -3.99 -5.10 -14.38
N LEU B 75 -3.24 -4.14 -14.89
CA LEU B 75 -2.72 -4.23 -16.23
C LEU B 75 -1.31 -3.62 -16.34
N ARG B 76 -0.39 -4.39 -16.91
CA ARG B 76 0.96 -3.90 -17.18
C ARG B 76 1.21 -4.01 -18.67
N LEU B 77 1.78 -2.96 -19.26
CA LEU B 77 2.07 -2.92 -20.70
C LEU B 77 3.47 -2.38 -20.94
N ASP B 78 4.24 -3.00 -21.86
CA ASP B 78 5.53 -2.44 -22.27
C ASP B 78 5.38 -1.10 -22.99
N ASP B 79 4.31 -0.96 -23.75
CA ASP B 79 4.09 0.23 -24.55
C ASP B 79 2.60 0.49 -24.60
N VAL B 80 2.17 1.49 -23.86
CA VAL B 80 0.74 1.72 -23.71
C VAL B 80 0.09 2.07 -25.05
N SER B 81 0.83 2.69 -25.96
CA SER B 81 0.23 3.16 -27.20
C SER B 81 -0.01 1.99 -28.15
N ALA B 82 0.53 0.82 -27.85
CA ALA B 82 0.31 -0.36 -28.70
C ALA B 82 -0.92 -1.19 -28.28
N HIS B 83 -1.54 -0.86 -27.16
CA HIS B 83 -2.74 -1.59 -26.75
C HIS B 83 -3.88 -1.32 -27.72
N PRO B 84 -4.64 -2.35 -28.09
CA PRO B 84 -5.69 -2.06 -29.09
C PRO B 84 -6.74 -1.05 -28.61
N ALA B 85 -6.85 -0.77 -27.32
CA ALA B 85 -7.82 0.19 -26.83
C ALA B 85 -7.27 1.62 -26.79
N SER B 86 -5.96 1.76 -27.06
CA SER B 86 -5.28 3.05 -27.01
C SER B 86 -5.91 4.08 -27.95
N ILE B 87 -6.04 5.31 -27.47
CA ILE B 87 -6.64 6.38 -28.26
C ILE B 87 -5.58 7.41 -28.71
N GLY B 88 -4.42 7.35 -28.07
CA GLY B 88 -3.35 8.29 -28.33
C GLY B 88 -3.32 9.38 -27.27
N PHE B 89 -2.17 10.01 -27.09
CA PHE B 89 -2.05 11.13 -26.14
C PHE B 89 -2.55 12.42 -26.77
N PRO B 90 -3.19 13.28 -25.98
CA PRO B 90 -3.58 14.60 -26.51
C PRO B 90 -2.36 15.50 -26.72
N PRO B 91 -2.50 16.58 -27.51
CA PRO B 91 -1.39 17.51 -27.67
C PRO B 91 -0.79 17.95 -26.32
N TYR B 92 0.54 17.99 -26.28
CA TYR B 92 1.35 18.44 -25.13
C TYR B 92 1.41 17.44 -23.97
N HIS B 93 0.62 16.38 -24.05
CA HIS B 93 0.71 15.29 -23.09
C HIS B 93 2.05 14.59 -23.30
N PRO B 94 2.86 14.47 -22.25
CA PRO B 94 4.14 13.76 -22.42
C PRO B 94 3.90 12.37 -22.97
N PRO B 95 4.73 11.94 -23.93
CA PRO B 95 4.61 10.57 -24.41
C PRO B 95 5.04 9.62 -23.28
N MET B 96 4.34 8.51 -23.15
CA MET B 96 4.60 7.54 -22.10
C MET B 96 4.58 6.15 -22.70
N ARG B 97 5.45 5.27 -22.22
CA ARG B 97 5.55 3.94 -22.78
C ARG B 97 5.16 2.84 -21.77
N THR B 98 6.04 2.56 -20.81
CA THR B 98 5.73 1.47 -19.87
C THR B 98 4.59 1.91 -18.99
N PHE B 99 3.77 0.95 -18.57
CA PHE B 99 2.50 1.29 -17.96
C PHE B 99 2.13 0.28 -16.89
N LEU B 100 1.64 0.77 -15.75
CA LEU B 100 1.11 -0.09 -14.69
C LEU B 100 -0.18 0.53 -14.19
N GLY B 101 -1.28 -0.19 -14.31
CA GLY B 101 -2.57 0.33 -13.86
C GLY B 101 -3.29 -0.66 -12.96
N VAL B 102 -3.81 -0.19 -11.83
CA VAL B 102 -4.54 -1.05 -10.90
C VAL B 102 -5.81 -0.36 -10.42
N PRO B 103 -6.91 -1.11 -10.29
CA PRO B 103 -8.17 -0.52 -9.82
C PRO B 103 -8.14 -0.10 -8.36
N VAL B 104 -8.79 1.03 -8.10
CA VAL B 104 -9.02 1.50 -6.74
C VAL B 104 -10.41 1.05 -6.35
N ARG B 105 -10.45 0.05 -5.48
CA ARG B 105 -11.57 -0.86 -5.35
C ARG B 105 -11.90 -1.02 -3.88
N VAL B 106 -13.10 -1.47 -3.56
CA VAL B 106 -13.30 -1.81 -2.16
C VAL B 106 -14.03 -3.14 -1.95
N ARG B 107 -14.99 -3.46 -2.82
CA ARG B 107 -15.77 -4.69 -2.65
C ARG B 107 -16.67 -4.93 -3.87
N ASP B 108 -17.93 -4.49 -3.78
CA ASP B 108 -18.84 -4.57 -4.90
C ASP B 108 -18.77 -3.30 -5.74
N GLU B 109 -17.70 -2.52 -5.53
CA GLU B 109 -17.52 -1.30 -6.31
C GLU B 109 -16.06 -0.93 -6.55
N SER B 110 -15.76 -0.68 -7.81
CA SER B 110 -14.49 -0.09 -8.21
C SER B 110 -14.73 1.37 -8.57
N PHE B 111 -14.04 2.28 -7.89
CA PHE B 111 -14.27 3.72 -8.00
C PHE B 111 -13.19 4.46 -8.77
N GLY B 112 -12.11 3.77 -9.12
CA GLY B 112 -11.00 4.48 -9.73
C GLY B 112 -9.85 3.62 -10.17
N THR B 113 -8.79 4.29 -10.59
CA THR B 113 -7.63 3.60 -11.09
C THR B 113 -6.38 4.35 -10.68
N LEU B 114 -5.38 3.61 -10.23
CA LEU B 114 -4.06 4.16 -9.95
C LEU B 114 -3.12 3.76 -11.07
N TYR B 115 -2.52 4.71 -11.78
CA TYR B 115 -1.62 4.30 -12.85
C TYR B 115 -0.29 5.02 -12.87
N LEU B 116 0.71 4.26 -13.27
CA LEU B 116 2.11 4.65 -13.26
C LEU B 116 2.68 4.39 -14.63
N THR B 117 3.54 5.29 -15.11
CA THR B 117 4.18 5.08 -16.40
C THR B 117 5.66 5.43 -16.38
N ASP B 118 6.39 4.91 -17.35
CA ASP B 118 7.79 5.23 -17.59
C ASP B 118 8.65 5.03 -16.35
N LYS B 119 8.71 3.78 -15.90
CA LYS B 119 9.65 3.38 -14.85
C LYS B 119 11.04 3.90 -15.24
N THR B 120 11.75 4.53 -14.30
CA THR B 120 12.91 5.34 -14.67
C THR B 120 14.15 4.54 -15.06
N ASN B 121 14.12 3.22 -14.86
CA ASN B 121 15.25 2.42 -15.30
C ASN B 121 15.07 1.99 -16.75
N GLY B 122 13.98 2.45 -17.38
CA GLY B 122 13.74 2.10 -18.77
C GLY B 122 13.15 0.72 -18.94
N GLN B 123 12.90 0.04 -17.83
CA GLN B 123 12.38 -1.33 -17.84
C GLN B 123 10.86 -1.35 -17.65
N PRO B 124 10.21 -2.48 -18.00
CA PRO B 124 8.79 -2.66 -17.67
C PRO B 124 8.60 -2.73 -16.16
N PHE B 125 7.40 -2.40 -15.68
CA PHE B 125 7.05 -2.56 -14.26
C PHE B 125 7.03 -4.04 -13.85
N SER B 126 7.48 -4.34 -12.63
CA SER B 126 7.64 -5.73 -12.20
C SER B 126 6.41 -6.31 -11.51
N ASP B 127 6.46 -7.62 -11.24
CA ASP B 127 5.43 -8.28 -10.46
C ASP B 127 5.36 -7.62 -9.09
N ASP B 128 6.52 -7.40 -8.49
CA ASP B 128 6.60 -6.70 -7.21
C ASP B 128 5.99 -5.30 -7.27
N ASP B 129 6.27 -4.55 -8.34
CA ASP B 129 5.66 -3.22 -8.52
C ASP B 129 4.14 -3.29 -8.43
N GLU B 130 3.55 -4.26 -9.12
CA GLU B 130 2.11 -4.42 -9.14
C GLU B 130 1.51 -4.78 -7.77
N VAL B 131 2.14 -5.73 -7.06
CA VAL B 131 1.71 -6.09 -5.72
C VAL B 131 1.71 -4.86 -4.80
N LEU B 132 2.77 -4.09 -4.89
CA LEU B 132 2.90 -2.89 -4.07
C LEU B 132 1.81 -1.84 -4.39
N VAL B 133 1.61 -1.54 -5.67
CA VAL B 133 0.64 -0.52 -6.06
C VAL B 133 -0.80 -0.98 -5.74
N GLN B 134 -1.03 -2.28 -5.78
CA GLN B 134 -2.33 -2.85 -5.41
C GLN B 134 -2.66 -2.58 -3.94
N ALA B 135 -1.65 -2.66 -3.10
CA ALA B 135 -1.86 -2.44 -1.68
C ALA B 135 -2.17 -0.97 -1.41
N LEU B 136 -1.46 -0.07 -2.09
CA LEU B 136 -1.75 1.36 -1.95
C LEU B 136 -3.10 1.71 -2.53
N ALA B 137 -3.46 1.07 -3.64
CA ALA B 137 -4.77 1.31 -4.24
C ALA B 137 -5.89 0.92 -3.29
N ALA B 138 -5.67 -0.14 -2.52
CA ALA B 138 -6.66 -0.62 -1.57
C ALA B 138 -6.86 0.39 -0.44
N ALA B 139 -5.76 0.99 0.00
CA ALA B 139 -5.83 2.07 0.98
C ALA B 139 -6.64 3.25 0.41
N ALA B 140 -6.40 3.60 -0.86
CA ALA B 140 -7.14 4.68 -1.52
C ALA B 140 -8.63 4.39 -1.62
N GLY B 141 -8.96 3.11 -1.80
CA GLY B 141 -10.33 2.68 -1.90
C GLY B 141 -11.10 2.99 -0.63
N ILE B 142 -10.43 2.85 0.50
CA ILE B 142 -11.06 3.11 1.79
C ILE B 142 -11.36 4.61 1.92
N ALA B 143 -10.40 5.41 1.51
CA ALA B 143 -10.50 6.86 1.57
C ALA B 143 -11.65 7.29 0.67
N VAL B 144 -11.71 6.75 -0.54
CA VAL B 144 -12.80 7.06 -1.46
C VAL B 144 -14.14 6.61 -0.91
N ALA B 145 -14.21 5.34 -0.50
CA ALA B 145 -15.47 4.76 -0.01
C ALA B 145 -16.04 5.55 1.16
N ASN B 146 -15.16 6.14 1.96
CA ASN B 146 -15.56 6.81 3.19
C ASN B 146 -15.75 8.32 3.06
N ALA B 147 -15.51 8.87 1.87
CA ALA B 147 -15.62 10.31 1.65
C ALA B 147 -17.08 10.76 1.60
#